data_4I77
#
_entry.id   4I77
#
_cell.length_a   83.722
_cell.length_b   64.772
_cell.length_c   117.101
_cell.angle_alpha   90.00
_cell.angle_beta   106.09
_cell.angle_gamma   90.00
#
_symmetry.space_group_name_H-M   'C 1 2 1'
#
loop_
_entity.id
_entity.type
_entity.pdbx_description
1 polymer 'Lebrikizumab heavy chain'
2 polymer 'Lebrikizumab light chain'
3 polymer Interleukin-13
4 water water
#
loop_
_entity_poly.entity_id
_entity_poly.type
_entity_poly.pdbx_seq_one_letter_code
_entity_poly.pdbx_strand_id
1 'polypeptide(L)'
;QVTLRESGPALVKPTQTLTLTCTVSGFSLSAYSVNWIRQPPGKALEWLAMIWGDGKIVYNSALKSRLTISKDTSKNQVVL
TMTNMDPVDTATYYCAGDGYYPYAMDNWGQGSLVTVSSASTKGPSVFPLAPCSRSTSESTAALGCLVKDYFPEPVTVSWN
SGALTSGVHTFPAVLQSSGLYSLSSVVTVPSSSLGTKTYTCNVDHKPSNTKVDKRVESK
;
H
2 'polypeptide(L)'
;DIVMTQSPDSLSVSLGERATINCRASKSVDSYGNSFMHWYQQKPGQPPKLLIYLASNLESGVPDRFSGSGSGTDFTLTIS
SLQAEDVAVYYCQQNNEDPRTFGGGTKVEIKRTVAAPSVFIFPPSDEQLKSGTASVVCLLNNFYPREAKVQWKVDNALQS
GNSQESVTEQDSKDSTYSLSSTLTLSKADYEKHKVYACEVTHQGLSSPVTKSFNRGEC
;
L
3 'polypeptide(L)'
;GPVPPSTALRELIEELVNITQNQKAPLCNGSMVWSINLTAGMYCAALESLINVSGCSAIEKTQRMLSGFCPHKVSAGQFS
SLHVRDTKIEVAQFVKDLLLHLKKLFREGRFN
;
Z
#
# COMPACT_ATOMS: atom_id res chain seq x y z
N GLN A 1 -14.40 -11.01 10.90
CA GLN A 1 -14.44 -9.55 10.81
C GLN A 1 -13.25 -8.87 11.57
N VAL A 2 -11.99 -9.32 11.29
CA VAL A 2 -10.76 -8.76 11.91
C VAL A 2 -10.34 -7.42 11.23
N THR A 3 -10.10 -6.36 12.04
CA THR A 3 -9.65 -5.07 11.53
C THR A 3 -8.48 -4.52 12.35
N LEU A 4 -7.53 -3.87 11.68
CA LEU A 4 -6.34 -3.28 12.32
C LEU A 4 -6.31 -1.81 11.97
N ARG A 5 -5.98 -0.98 12.95
CA ARG A 5 -5.97 0.47 12.79
C ARG A 5 -4.84 1.08 13.58
N GLU A 6 -3.91 1.71 12.84
CA GLU A 6 -2.74 2.41 13.36
CA GLU A 6 -2.80 2.36 13.46
C GLU A 6 -3.10 3.80 13.80
N SER A 7 -2.49 4.29 14.88
CA SER A 7 -2.68 5.65 15.37
C SER A 7 -1.38 6.12 15.95
N GLY A 8 -1.09 7.39 15.74
CA GLY A 8 0.15 7.99 16.20
C GLY A 8 0.26 9.39 15.64
N PRO A 9 1.38 10.08 15.98
CA PRO A 9 1.56 11.45 15.51
C PRO A 9 1.89 11.50 14.03
N ALA A 10 1.42 12.55 13.35
CA ALA A 10 1.74 12.70 11.93
C ALA A 10 3.19 13.21 11.81
N LEU A 11 3.69 13.87 12.88
CA LEU A 11 4.96 14.57 12.88
C LEU A 11 5.77 14.27 14.14
N VAL A 12 7.06 13.92 13.97
CA VAL A 12 7.98 13.66 15.08
C VAL A 12 9.20 14.53 14.82
N LYS A 13 9.76 15.15 15.87
CA LYS A 13 10.95 15.98 15.72
C LYS A 13 12.18 15.09 15.55
N PRO A 14 13.19 15.46 14.73
CA PRO A 14 14.41 14.60 14.64
C PRO A 14 15.00 14.40 16.03
N THR A 15 15.48 13.15 16.30
CA THR A 15 16.07 12.56 17.55
C THR A 15 15.02 12.08 18.56
N GLN A 16 13.77 12.49 18.38
CA GLN A 16 12.70 12.14 19.30
C GLN A 16 12.15 10.73 19.03
N THR A 17 11.38 10.19 19.98
CA THR A 17 10.85 8.83 19.90
C THR A 17 9.47 8.79 19.26
N LEU A 18 9.30 7.86 18.32
CA LEU A 18 7.99 7.68 17.70
C LEU A 18 7.27 6.56 18.49
N THR A 19 6.00 6.77 18.83
CA THR A 19 5.14 5.77 19.47
C THR A 19 3.94 5.56 18.57
N LEU A 20 3.79 4.34 18.05
CA LEU A 20 2.68 3.95 17.18
C LEU A 20 1.80 2.94 17.87
N THR A 21 0.48 3.07 17.71
CA THR A 21 -0.45 2.14 18.33
C THR A 21 -1.27 1.41 17.29
N CYS A 22 -1.36 0.09 17.38
CA CYS A 22 -2.20 -0.69 16.48
C CYS A 22 -3.37 -1.24 17.30
N THR A 23 -4.61 -0.84 16.98
CA THR A 23 -5.81 -1.30 17.68
C THR A 23 -6.42 -2.43 16.85
N VAL A 24 -6.56 -3.60 17.50
CA VAL A 24 -7.09 -4.80 16.88
C VAL A 24 -8.50 -5.03 17.39
N SER A 25 -9.44 -5.29 16.50
CA SER A 25 -10.81 -5.65 16.86
C SER A 25 -11.22 -6.90 16.10
N GLY A 26 -11.95 -7.77 16.78
CA GLY A 26 -12.42 -9.00 16.15
C GLY A 26 -11.55 -10.21 16.38
N PHE A 27 -10.40 -10.02 17.03
CA PHE A 27 -9.53 -11.12 17.39
C PHE A 27 -8.82 -10.78 18.69
N SER A 28 -8.73 -11.76 19.60
CA SER A 28 -8.03 -11.54 20.86
C SER A 28 -6.53 -11.60 20.60
N LEU A 29 -5.76 -10.62 21.10
CA LEU A 29 -4.31 -10.58 20.99
C LEU A 29 -3.60 -11.75 21.65
N SER A 30 -4.32 -12.54 22.50
CA SER A 30 -3.79 -13.75 23.14
C SER A 30 -3.57 -14.86 22.10
N ALA A 31 -4.24 -14.75 20.92
CA ALA A 31 -4.13 -15.70 19.81
C ALA A 31 -4.02 -14.98 18.44
N TYR A 32 -3.44 -13.76 18.40
CA TYR A 32 -3.32 -13.04 17.13
C TYR A 32 -1.96 -12.34 17.07
N SER A 33 -1.17 -12.62 16.03
CA SER A 33 0.17 -12.04 15.86
C SER A 33 0.10 -10.78 15.02
N VAL A 34 0.74 -9.71 15.50
CA VAL A 34 0.74 -8.41 14.85
C VAL A 34 2.16 -7.99 14.46
N ASN A 35 2.33 -7.55 13.20
CA ASN A 35 3.58 -7.11 12.56
C ASN A 35 3.52 -5.63 12.30
N TRP A 36 4.71 -4.99 12.28
CA TRP A 36 4.89 -3.62 11.88
C TRP A 36 5.78 -3.60 10.66
N ILE A 37 5.36 -2.85 9.63
CA ILE A 37 6.08 -2.75 8.37
C ILE A 37 6.07 -1.28 8.02
N ARG A 38 7.13 -0.77 7.41
CA ARG A 38 7.08 0.62 7.00
C ARG A 38 7.39 0.74 5.52
N GLN A 39 7.06 1.91 4.96
CA GLN A 39 7.30 2.14 3.57
C GLN A 39 7.62 3.61 3.32
N PRO A 40 8.88 3.97 3.08
CA PRO A 40 9.20 5.37 2.72
C PRO A 40 8.49 5.71 1.39
N PRO A 41 8.07 7.00 1.17
CA PRO A 41 7.36 7.34 -0.09
C PRO A 41 8.15 6.89 -1.34
N GLY A 42 7.50 6.15 -2.23
CA GLY A 42 8.10 5.63 -3.46
C GLY A 42 9.12 4.53 -3.30
N LYS A 43 9.27 3.97 -2.09
CA LYS A 43 10.25 2.92 -1.80
C LYS A 43 9.61 1.60 -1.37
N ALA A 44 10.44 0.55 -1.20
CA ALA A 44 10.06 -0.82 -0.82
C ALA A 44 9.51 -0.94 0.59
N LEU A 45 8.70 -1.99 0.80
CA LEU A 45 8.19 -2.31 2.13
C LEU A 45 9.37 -2.79 2.95
N GLU A 46 9.43 -2.39 4.24
CA GLU A 46 10.50 -2.85 5.13
C GLU A 46 9.85 -3.41 6.39
N TRP A 47 10.04 -4.70 6.63
CA TRP A 47 9.47 -5.37 7.81
C TRP A 47 10.22 -4.87 9.05
N LEU A 48 9.49 -4.54 10.13
CA LEU A 48 10.14 -3.98 11.33
C LEU A 48 10.17 -4.87 12.51
N ALA A 49 9.02 -5.45 12.87
CA ALA A 49 8.90 -6.23 14.09
C ALA A 49 7.60 -7.00 14.11
N MET A 50 7.50 -7.95 15.06
CA MET A 50 6.26 -8.66 15.30
C MET A 50 6.16 -9.14 16.75
N ILE A 51 4.94 -9.36 17.21
CA ILE A 51 4.66 -9.94 18.52
C ILE A 51 3.58 -11.01 18.32
N TRP A 52 3.94 -12.28 18.52
CA TRP A 52 2.99 -13.39 18.36
C TRP A 52 1.95 -13.32 19.47
N GLY A 53 0.82 -14.00 19.26
CA GLY A 53 -0.25 -14.08 20.25
C GLY A 53 0.24 -14.62 21.59
N ASP A 54 1.17 -15.59 21.53
CA ASP A 54 1.74 -16.21 22.73
C ASP A 54 2.96 -15.46 23.34
N GLY A 55 3.31 -14.30 22.78
CA GLY A 55 4.35 -13.44 23.33
C GLY A 55 5.71 -13.33 22.66
N LYS A 56 6.03 -14.20 21.67
CA LYS A 56 7.33 -14.15 20.99
C LYS A 56 7.51 -12.83 20.22
N ILE A 57 8.65 -12.17 20.46
CA ILE A 57 9.00 -10.85 19.89
C ILE A 57 10.17 -11.03 18.92
N VAL A 58 10.05 -10.49 17.70
CA VAL A 58 11.09 -10.56 16.66
C VAL A 58 11.30 -9.14 16.13
N TYR A 59 12.56 -8.73 15.84
CA TYR A 59 12.85 -7.41 15.31
C TYR A 59 13.68 -7.48 14.04
N ASN A 60 13.55 -6.45 13.20
CA ASN A 60 14.39 -6.21 12.02
C ASN A 60 15.81 -6.17 12.61
N SER A 61 16.80 -6.72 11.90
CA SER A 61 18.13 -6.78 12.47
C SER A 61 18.87 -5.44 12.60
N ALA A 62 18.89 -4.60 11.53
CA ALA A 62 19.56 -3.30 11.50
C ALA A 62 18.94 -2.25 12.44
N LEU A 63 17.64 -2.36 12.73
CA LEU A 63 16.93 -1.38 13.55
C LEU A 63 16.62 -1.88 14.96
N LYS A 64 17.04 -3.11 15.27
CA LYS A 64 16.80 -3.79 16.54
C LYS A 64 17.01 -2.91 17.79
N SER A 65 18.16 -2.21 17.89
CA SER A 65 18.49 -1.38 19.04
C SER A 65 17.55 -0.18 19.23
N ARG A 66 16.85 0.20 18.16
CA ARG A 66 15.94 1.35 18.18
C ARG A 66 14.50 0.96 18.39
N LEU A 67 14.16 -0.33 18.24
CA LEU A 67 12.76 -0.77 18.28
C LEU A 67 12.33 -1.52 19.53
N THR A 68 11.10 -1.22 19.99
CA THR A 68 10.46 -1.95 21.10
C THR A 68 9.02 -2.19 20.72
N ILE A 69 8.62 -3.46 20.70
CA ILE A 69 7.24 -3.78 20.42
C ILE A 69 6.67 -4.31 21.74
N SER A 70 5.41 -4.01 22.06
CA SER A 70 4.76 -4.49 23.30
C SER A 70 3.27 -4.58 23.04
N LYS A 71 2.52 -5.15 23.97
CA LYS A 71 1.07 -5.24 23.80
C LYS A 71 0.35 -5.16 25.13
N ASP A 72 -0.94 -4.79 25.06
CA ASP A 72 -1.86 -4.74 26.19
C ASP A 72 -3.15 -5.42 25.73
N THR A 73 -3.32 -6.70 26.09
CA THR A 73 -4.47 -7.54 25.73
C THR A 73 -5.82 -6.92 26.12
N SER A 74 -5.84 -6.15 27.24
CA SER A 74 -7.02 -5.47 27.78
C SER A 74 -7.60 -4.46 26.80
N LYS A 75 -6.76 -3.53 26.33
CA LYS A 75 -7.16 -2.50 25.37
C LYS A 75 -7.05 -3.00 23.91
N ASN A 76 -6.58 -4.25 23.73
CA ASN A 76 -6.38 -4.95 22.45
C ASN A 76 -5.53 -4.12 21.49
N GLN A 77 -4.40 -3.65 22.01
CA GLN A 77 -3.48 -2.85 21.22
C GLN A 77 -2.04 -3.33 21.28
N VAL A 78 -1.33 -3.14 20.16
CA VAL A 78 0.08 -3.46 20.02
C VAL A 78 0.80 -2.12 19.83
N VAL A 79 1.85 -1.87 20.62
CA VAL A 79 2.55 -0.58 20.56
C VAL A 79 3.96 -0.76 20.01
N LEU A 80 4.36 0.09 19.06
CA LEU A 80 5.73 0.10 18.57
C LEU A 80 6.36 1.43 18.97
N THR A 81 7.58 1.39 19.54
CA THR A 81 8.30 2.63 19.81
C THR A 81 9.58 2.56 19.00
N MET A 82 9.96 3.68 18.38
CA MET A 82 11.22 3.75 17.62
C MET A 82 11.95 5.01 18.07
N THR A 83 13.16 4.86 18.61
CA THR A 83 13.93 6.00 19.17
C THR A 83 14.81 6.67 18.12
N ASN A 84 15.33 7.87 18.43
CA ASN A 84 16.27 8.63 17.60
C ASN A 84 15.81 8.73 16.12
N MET A 85 14.58 9.20 15.93
CA MET A 85 13.96 9.35 14.61
C MET A 85 14.75 10.29 13.73
N ASP A 86 14.91 9.91 12.47
CA ASP A 86 15.64 10.73 11.48
C ASP A 86 14.75 11.02 10.24
N PRO A 87 14.96 12.13 9.48
CA PRO A 87 14.20 12.32 8.23
C PRO A 87 14.12 11.06 7.32
N VAL A 88 15.14 10.15 7.35
CA VAL A 88 15.15 8.90 6.55
C VAL A 88 14.10 7.90 7.04
N ASP A 89 13.57 8.12 8.26
CA ASP A 89 12.52 7.26 8.83
C ASP A 89 11.13 7.72 8.43
N THR A 90 11.02 8.84 7.67
CA THR A 90 9.72 9.31 7.19
C THR A 90 9.14 8.20 6.29
N ALA A 91 7.92 7.72 6.64
CA ALA A 91 7.35 6.58 5.93
C ALA A 91 5.93 6.37 6.39
N THR A 92 5.23 5.50 5.67
CA THR A 92 3.92 5.04 6.09
C THR A 92 4.23 3.82 6.93
N TYR A 93 3.71 3.78 8.15
CA TYR A 93 3.92 2.62 9.01
C TYR A 93 2.60 1.84 9.07
N TYR A 94 2.67 0.56 8.71
CA TYR A 94 1.55 -0.36 8.68
C TYR A 94 1.66 -1.38 9.77
N CYS A 95 0.51 -1.74 10.33
CA CYS A 95 0.49 -2.92 11.16
C CYS A 95 -0.30 -3.97 10.39
N ALA A 96 0.10 -5.24 10.51
CA ALA A 96 -0.52 -6.32 9.76
C ALA A 96 -0.56 -7.57 10.63
N GLY A 97 -1.69 -8.24 10.58
CA GLY A 97 -1.92 -9.50 11.30
C GLY A 97 -1.57 -10.71 10.48
N ASP A 98 -1.09 -11.77 11.16
CA ASP A 98 -0.79 -13.04 10.49
C ASP A 98 -2.06 -13.81 10.32
N GLY A 99 -2.13 -14.59 9.26
CA GLY A 99 -3.22 -15.53 9.06
C GLY A 99 -2.89 -16.78 9.84
N TYR A 100 -3.48 -17.92 9.46
CA TYR A 100 -3.14 -19.18 10.10
C TYR A 100 -1.86 -19.70 9.45
N TYR A 101 -1.36 -20.89 9.88
CA TYR A 101 -0.18 -21.52 9.30
C TYR A 101 -0.37 -21.49 7.75
N PRO A 102 0.63 -21.08 6.92
CA PRO A 102 2.06 -20.80 7.20
C PRO A 102 2.40 -19.44 7.81
N TYR A 103 1.39 -18.66 8.21
CA TYR A 103 1.56 -17.35 8.85
C TYR A 103 2.07 -16.27 7.92
N ALA A 104 1.37 -16.09 6.79
CA ALA A 104 1.66 -14.96 5.90
C ALA A 104 0.86 -13.79 6.54
N MET A 105 1.12 -12.55 6.11
CA MET A 105 0.45 -11.38 6.66
C MET A 105 -0.78 -11.09 5.81
N ASP A 106 -1.92 -11.64 6.23
CA ASP A 106 -3.16 -11.53 5.44
C ASP A 106 -4.09 -10.36 5.77
N ASN A 107 -3.82 -9.59 6.82
CA ASN A 107 -4.71 -8.52 7.23
C ASN A 107 -3.93 -7.27 7.54
N TRP A 108 -4.10 -6.22 6.72
CA TRP A 108 -3.34 -4.99 6.88
C TRP A 108 -4.16 -3.80 7.30
N GLY A 109 -3.57 -2.90 8.07
CA GLY A 109 -4.21 -1.64 8.37
C GLY A 109 -4.00 -0.70 7.19
N GLN A 110 -4.64 0.50 7.20
CA GLN A 110 -4.50 1.49 6.14
C GLN A 110 -3.14 2.16 6.16
N GLY A 111 -2.44 2.08 7.30
CA GLY A 111 -1.12 2.69 7.43
C GLY A 111 -1.21 4.11 7.95
N SER A 112 -0.19 4.54 8.66
CA SER A 112 -0.15 5.88 9.23
C SER A 112 1.15 6.53 8.74
N LEU A 113 1.03 7.66 8.03
CA LEU A 113 2.22 8.34 7.55
C LEU A 113 2.82 9.14 8.69
N VAL A 114 4.12 8.96 8.95
CA VAL A 114 4.86 9.68 9.98
C VAL A 114 5.95 10.48 9.26
N THR A 115 6.03 11.78 9.54
CA THR A 115 7.06 12.61 8.97
C THR A 115 8.02 13.00 10.10
N VAL A 116 9.32 12.91 9.85
CA VAL A 116 10.32 13.30 10.86
C VAL A 116 10.88 14.64 10.38
N SER A 117 10.57 15.72 11.10
CA SER A 117 11.00 17.06 10.72
C SER A 117 10.90 17.99 11.89
N SER A 118 11.73 19.01 11.88
CA SER A 118 11.72 20.07 12.90
C SER A 118 10.70 21.17 12.49
N ALA A 119 10.17 21.13 11.24
CA ALA A 119 9.19 22.13 10.78
C ALA A 119 7.86 21.99 11.52
N SER A 120 7.11 23.07 11.59
CA SER A 120 5.83 23.13 12.28
C SER A 120 4.70 22.68 11.36
N THR A 121 3.59 22.22 11.96
CA THR A 121 2.38 21.86 11.24
C THR A 121 1.76 23.14 10.67
N LYS A 122 1.26 23.08 9.43
CA LYS A 122 0.62 24.25 8.82
C LYS A 122 -0.52 23.73 7.97
N GLY A 123 -1.71 24.27 8.20
CA GLY A 123 -2.88 23.86 7.43
C GLY A 123 -2.90 24.50 6.05
N PRO A 124 -3.56 23.87 5.08
CA PRO A 124 -3.55 24.40 3.70
C PRO A 124 -4.47 25.55 3.44
N SER A 125 -4.25 26.24 2.31
CA SER A 125 -5.17 27.21 1.77
C SER A 125 -5.74 26.46 0.55
N VAL A 126 -7.04 26.49 0.38
CA VAL A 126 -7.65 25.75 -0.73
C VAL A 126 -8.17 26.78 -1.72
N PHE A 127 -7.84 26.63 -3.00
CA PHE A 127 -8.25 27.56 -4.03
C PHE A 127 -8.96 26.77 -5.13
N PRO A 128 -9.90 27.39 -5.84
CA PRO A 128 -10.59 26.67 -6.93
C PRO A 128 -9.75 26.67 -8.20
N LEU A 129 -9.95 25.64 -9.00
CA LEU A 129 -9.35 25.48 -10.34
C LEU A 129 -10.56 25.47 -11.26
N ALA A 130 -10.77 26.60 -11.91
CA ALA A 130 -11.89 26.78 -12.84
C ALA A 130 -11.37 27.54 -14.04
N PRO A 131 -11.59 26.99 -15.24
CA PRO A 131 -11.08 27.67 -16.45
C PRO A 131 -11.63 29.10 -16.56
N CYS A 132 -10.83 29.94 -17.20
CA CYS A 132 -11.11 31.33 -17.51
C CYS A 132 -12.30 31.28 -18.47
N SER A 133 -12.32 30.27 -19.37
CA SER A 133 -13.39 30.02 -20.33
C SER A 133 -13.36 28.62 -20.89
N ARG A 134 -14.46 28.25 -21.56
CA ARG A 134 -14.66 26.96 -22.20
C ARG A 134 -15.15 27.21 -23.62
N SER A 135 -14.80 26.30 -24.53
CA SER A 135 -15.22 26.34 -25.94
C SER A 135 -16.65 25.76 -26.03
N THR A 136 -17.57 26.45 -26.76
CA THR A 136 -18.96 26.04 -27.00
C THR A 136 -19.08 24.63 -27.60
N SER A 137 -17.95 24.03 -28.03
CA SER A 137 -17.86 22.72 -28.67
C SER A 137 -17.22 21.64 -27.80
N GLU A 138 -16.72 21.99 -26.61
CA GLU A 138 -16.10 21.03 -25.68
C GLU A 138 -17.18 20.18 -25.01
N SER A 139 -17.00 18.85 -25.06
CA SER A 139 -17.93 17.89 -24.49
C SER A 139 -17.63 17.69 -23.00
N THR A 140 -16.32 17.64 -22.67
CA THR A 140 -15.78 17.47 -21.32
C THR A 140 -15.29 18.81 -20.72
N ALA A 141 -15.56 19.04 -19.44
CA ALA A 141 -15.09 20.23 -18.72
C ALA A 141 -14.25 19.77 -17.54
N ALA A 142 -13.22 20.54 -17.16
CA ALA A 142 -12.42 20.17 -16.01
C ALA A 142 -12.57 21.22 -14.92
N LEU A 143 -12.61 20.78 -13.67
CA LEU A 143 -12.70 21.62 -12.48
C LEU A 143 -11.75 21.01 -11.47
N GLY A 144 -11.35 21.76 -10.48
CA GLY A 144 -10.51 21.20 -9.45
C GLY A 144 -10.30 22.11 -8.27
N CYS A 145 -9.41 21.63 -7.38
CA CYS A 145 -8.99 22.35 -6.19
CA CYS A 145 -9.01 22.41 -6.22
C CYS A 145 -7.52 22.31 -6.01
N LEU A 146 -6.93 23.45 -5.71
CA LEU A 146 -5.48 23.54 -5.47
C LEU A 146 -5.35 23.65 -3.94
N VAL A 147 -4.69 22.65 -3.33
CA VAL A 147 -4.53 22.56 -1.86
C VAL A 147 -3.12 22.95 -1.61
N LYS A 148 -2.92 24.20 -1.20
CA LYS A 148 -1.62 24.79 -1.13
C LYS A 148 -1.07 25.09 0.23
N ASP A 149 0.27 24.95 0.35
CA ASP A 149 1.09 25.37 1.51
C ASP A 149 0.75 24.73 2.83
N TYR A 150 0.84 23.42 2.86
CA TYR A 150 0.54 22.69 4.09
C TYR A 150 1.74 21.86 4.49
N PHE A 151 1.72 21.37 5.73
CA PHE A 151 2.78 20.54 6.27
C PHE A 151 2.28 19.86 7.52
N PRO A 152 2.63 18.57 7.75
CA PRO A 152 3.30 17.64 6.81
C PRO A 152 2.22 17.01 5.90
N GLU A 153 2.60 15.98 5.15
CA GLU A 153 1.59 15.18 4.45
C GLU A 153 0.91 14.32 5.53
N PRO A 154 -0.29 13.77 5.29
CA PRO A 154 -1.04 13.84 4.03
C PRO A 154 -2.24 14.79 4.11
N VAL A 155 -2.78 15.11 2.96
CA VAL A 155 -4.09 15.72 2.86
C VAL A 155 -4.95 14.68 2.12
N THR A 156 -6.22 14.61 2.47
CA THR A 156 -7.22 13.75 1.79
C THR A 156 -8.10 14.71 0.99
N VAL A 157 -8.46 14.34 -0.23
CA VAL A 157 -9.38 15.10 -1.06
C VAL A 157 -10.44 14.15 -1.60
N SER A 158 -11.72 14.47 -1.37
CA SER A 158 -12.80 13.72 -2.00
C SER A 158 -13.65 14.75 -2.74
N TRP A 159 -14.57 14.29 -3.61
CA TRP A 159 -15.50 15.14 -4.33
C TRP A 159 -16.92 14.76 -3.97
N ASN A 160 -17.79 15.78 -3.72
CA ASN A 160 -19.19 15.54 -3.36
C ASN A 160 -19.38 14.57 -2.23
N SER A 161 -18.55 14.74 -1.21
CA SER A 161 -18.52 13.93 0.02
C SER A 161 -18.33 12.43 -0.26
N GLY A 162 -17.51 12.11 -1.27
CA GLY A 162 -17.20 10.74 -1.68
C GLY A 162 -18.13 10.14 -2.73
N ALA A 163 -19.22 10.84 -3.09
CA ALA A 163 -20.19 10.36 -4.08
C ALA A 163 -19.65 10.42 -5.53
N LEU A 164 -18.73 11.32 -5.79
CA LEU A 164 -18.10 11.46 -7.11
C LEU A 164 -16.70 10.88 -7.04
N THR A 165 -16.46 9.80 -7.77
CA THR A 165 -15.12 9.18 -7.81
C THR A 165 -14.63 9.02 -9.26
N SER A 166 -15.55 8.78 -10.20
CA SER A 166 -15.21 8.58 -11.62
C SER A 166 -14.61 9.87 -12.22
N GLY A 167 -13.47 9.75 -12.88
CA GLY A 167 -12.80 10.88 -13.53
C GLY A 167 -12.05 11.83 -12.61
N VAL A 168 -11.97 11.49 -11.31
CA VAL A 168 -11.23 12.27 -10.31
C VAL A 168 -9.75 11.88 -10.44
N HIS A 169 -8.84 12.86 -10.45
CA HIS A 169 -7.41 12.63 -10.39
C HIS A 169 -6.88 13.50 -9.26
N THR A 170 -6.42 12.87 -8.19
CA THR A 170 -5.79 13.64 -7.10
C THR A 170 -4.31 13.38 -7.25
N PHE A 171 -3.56 14.41 -7.59
CA PHE A 171 -2.14 14.23 -7.89
C PHE A 171 -1.28 13.99 -6.65
N PRO A 172 -0.08 13.36 -6.81
CA PRO A 172 0.85 13.30 -5.68
C PRO A 172 1.24 14.71 -5.30
N ALA A 173 1.42 14.97 -4.01
CA ALA A 173 1.82 16.29 -3.53
C ALA A 173 3.23 16.61 -4.00
N VAL A 174 3.54 17.89 -4.17
CA VAL A 174 4.87 18.33 -4.56
C VAL A 174 5.42 19.13 -3.39
N LEU A 175 6.69 18.95 -3.03
CA LEU A 175 7.27 19.73 -1.95
C LEU A 175 7.80 21.03 -2.61
N GLN A 176 7.32 22.19 -2.17
CA GLN A 176 7.79 23.44 -2.75
C GLN A 176 9.13 23.82 -2.11
N SER A 177 9.87 24.77 -2.71
CA SER A 177 11.15 25.22 -2.18
C SER A 177 10.96 25.92 -0.82
N SER A 178 9.71 26.28 -0.47
CA SER A 178 9.38 26.87 0.83
C SER A 178 9.42 25.83 1.98
N GLY A 179 9.40 24.54 1.62
CA GLY A 179 9.32 23.43 2.57
C GLY A 179 7.88 23.03 2.83
N LEU A 180 6.92 23.62 2.09
CA LEU A 180 5.51 23.28 2.25
C LEU A 180 5.06 22.51 1.03
N TYR A 181 4.07 21.64 1.21
CA TYR A 181 3.49 20.86 0.13
C TYR A 181 2.40 21.60 -0.58
N SER A 182 2.11 21.13 -1.77
CA SER A 182 1.04 21.63 -2.59
C SER A 182 0.48 20.41 -3.31
N LEU A 183 -0.85 20.34 -3.47
CA LEU A 183 -1.46 19.22 -4.19
C LEU A 183 -2.60 19.79 -5.03
N SER A 184 -2.87 19.20 -6.19
CA SER A 184 -4.03 19.55 -7.00
C SER A 184 -4.92 18.31 -7.14
N SER A 185 -6.24 18.51 -7.07
CA SER A 185 -7.21 17.44 -7.31
C SER A 185 -8.12 17.96 -8.39
N VAL A 186 -8.31 17.17 -9.44
CA VAL A 186 -9.15 17.59 -10.56
C VAL A 186 -10.20 16.53 -10.81
N VAL A 187 -11.26 16.94 -11.50
CA VAL A 187 -12.32 16.07 -11.98
C VAL A 187 -12.77 16.58 -13.35
N THR A 188 -13.01 15.65 -14.31
CA THR A 188 -13.53 16.04 -15.60
C THR A 188 -14.92 15.46 -15.63
N VAL A 189 -15.86 16.29 -16.07
CA VAL A 189 -17.28 15.98 -16.11
C VAL A 189 -17.82 16.33 -17.49
N PRO A 190 -18.98 15.77 -17.93
CA PRO A 190 -19.53 16.21 -19.23
C PRO A 190 -19.98 17.67 -19.05
N SER A 191 -19.77 18.55 -20.07
CA SER A 191 -20.14 19.99 -20.01
C SER A 191 -21.64 20.27 -19.74
N SER A 192 -22.54 19.32 -20.11
CA SER A 192 -24.00 19.42 -19.89
C SER A 192 -24.46 19.46 -18.39
N SER A 193 -23.52 19.36 -17.43
CA SER A 193 -23.88 19.37 -16.01
C SER A 193 -23.59 20.69 -15.26
N LEU A 194 -22.72 21.58 -15.81
CA LEU A 194 -22.32 22.84 -15.15
C LEU A 194 -23.49 23.76 -14.86
N GLY A 195 -23.44 24.47 -13.73
CA GLY A 195 -24.53 25.36 -13.30
C GLY A 195 -25.70 24.60 -12.68
N THR A 196 -25.94 23.34 -13.16
CA THR A 196 -26.95 22.39 -12.67
C THR A 196 -26.31 21.64 -11.45
N LYS A 197 -25.46 20.60 -11.70
CA LYS A 197 -24.80 19.81 -10.68
C LYS A 197 -23.70 20.62 -9.99
N THR A 198 -23.66 20.59 -8.63
CA THR A 198 -22.60 21.25 -7.86
C THR A 198 -21.43 20.29 -7.76
N TYR A 199 -20.19 20.83 -7.79
CA TYR A 199 -18.97 20.05 -7.60
C TYR A 199 -18.19 20.72 -6.46
N THR A 200 -17.96 19.95 -5.39
CA THR A 200 -17.35 20.41 -4.15
C THR A 200 -16.21 19.52 -3.79
N CYS A 201 -15.04 20.09 -3.54
CA CYS A 201 -13.96 19.25 -3.07
C CYS A 201 -13.92 19.34 -1.57
N ASN A 202 -13.76 18.18 -0.92
CA ASN A 202 -13.72 18.08 0.53
C ASN A 202 -12.29 17.78 0.89
N VAL A 203 -11.66 18.74 1.58
CA VAL A 203 -10.24 18.66 1.87
C VAL A 203 -10.12 18.43 3.36
N ASP A 204 -9.32 17.46 3.75
CA ASP A 204 -9.08 17.20 5.15
C ASP A 204 -7.56 17.09 5.38
N HIS A 205 -7.04 17.93 6.27
CA HIS A 205 -5.63 17.90 6.65
C HIS A 205 -5.61 17.56 8.13
N LYS A 206 -5.69 16.28 8.43
CA LYS A 206 -5.71 15.78 9.80
C LYS A 206 -4.58 16.31 10.71
N PRO A 207 -3.29 16.43 10.25
CA PRO A 207 -2.27 16.98 11.15
C PRO A 207 -2.56 18.36 11.73
N SER A 208 -3.26 19.26 10.99
CA SER A 208 -3.58 20.60 11.53
C SER A 208 -5.09 20.69 11.93
N ASN A 209 -5.81 19.56 11.86
CA ASN A 209 -7.26 19.44 12.10
C ASN A 209 -8.04 20.46 11.22
N THR A 210 -7.60 20.61 9.95
CA THR A 210 -8.21 21.55 8.98
C THR A 210 -9.14 20.75 8.08
N LYS A 211 -10.40 21.17 7.99
CA LYS A 211 -11.41 20.56 7.11
C LYS A 211 -12.12 21.70 6.39
N VAL A 212 -12.15 21.63 5.05
CA VAL A 212 -12.73 22.64 4.17
C VAL A 212 -13.54 21.97 3.10
N ASP A 213 -14.72 22.53 2.78
CA ASP A 213 -15.49 22.06 1.63
C ASP A 213 -15.56 23.24 0.69
N LYS A 214 -15.12 23.11 -0.55
CA LYS A 214 -15.21 24.25 -1.47
C LYS A 214 -15.99 23.89 -2.73
N ARG A 215 -17.09 24.61 -3.01
CA ARG A 215 -17.86 24.44 -4.24
C ARG A 215 -17.06 25.17 -5.32
N VAL A 216 -16.80 24.48 -6.43
CA VAL A 216 -16.00 25.05 -7.52
C VAL A 216 -16.87 25.42 -8.70
N GLU A 217 -16.72 26.67 -9.18
CA GLU A 217 -17.40 27.19 -10.38
C GLU A 217 -16.53 28.20 -11.11
N SER A 218 -16.75 28.35 -12.40
CA SER A 218 -16.06 29.36 -13.21
C SER A 218 -16.65 30.76 -12.88
N LYS A 219 -15.77 31.77 -12.69
CA LYS A 219 -16.07 33.17 -12.34
C LYS A 219 -17.35 33.75 -12.95
N ASP B 1 20.30 -13.56 7.83
CA ASP B 1 19.35 -12.53 7.39
C ASP B 1 19.09 -12.68 5.89
N ILE B 2 17.94 -13.30 5.53
CA ILE B 2 17.58 -13.62 4.14
C ILE B 2 17.22 -12.40 3.33
N VAL B 3 18.03 -12.12 2.29
CA VAL B 3 17.81 -11.03 1.36
C VAL B 3 17.06 -11.55 0.15
N MET B 4 15.93 -10.87 -0.15
CA MET B 4 15.02 -11.16 -1.25
C MET B 4 15.27 -10.13 -2.33
N THR B 5 15.56 -10.61 -3.54
CA THR B 5 15.87 -9.76 -4.68
C THR B 5 14.95 -10.10 -5.84
N GLN B 6 14.24 -9.08 -6.33
CA GLN B 6 13.28 -9.21 -7.44
C GLN B 6 13.83 -8.73 -8.76
N SER B 7 13.38 -9.37 -9.85
CA SER B 7 13.73 -9.04 -11.22
C SER B 7 12.57 -9.36 -12.17
N PRO B 8 12.26 -8.47 -13.15
CA PRO B 8 12.88 -7.15 -13.40
C PRO B 8 12.34 -6.14 -12.36
N ASP B 9 12.89 -4.92 -12.32
CA ASP B 9 12.44 -3.87 -11.38
C ASP B 9 11.05 -3.39 -11.77
N SER B 10 10.74 -3.45 -13.08
CA SER B 10 9.46 -3.03 -13.64
C SER B 10 9.20 -3.81 -14.91
N LEU B 11 7.92 -3.88 -15.34
CA LEU B 11 7.57 -4.56 -16.58
C LEU B 11 6.28 -4.03 -17.18
N SER B 12 6.23 -4.01 -18.50
CA SER B 12 5.10 -3.50 -19.25
C SER B 12 4.60 -4.58 -20.19
N VAL B 13 3.31 -4.93 -20.08
CA VAL B 13 2.70 -6.01 -20.86
C VAL B 13 1.32 -5.57 -21.41
N SER B 14 0.93 -6.07 -22.59
CA SER B 14 -0.36 -5.76 -23.21
C SER B 14 -1.54 -6.36 -22.41
N LEU B 15 -2.74 -5.79 -22.58
CA LEU B 15 -3.97 -6.28 -21.94
C LEU B 15 -4.29 -7.68 -22.51
N GLY B 16 -4.39 -8.66 -21.61
CA GLY B 16 -4.71 -10.04 -21.94
C GLY B 16 -3.50 -10.92 -22.21
N GLU B 17 -2.30 -10.36 -22.04
CA GLU B 17 -1.03 -11.04 -22.27
C GLU B 17 -0.48 -11.59 -20.94
N ARG B 18 0.34 -12.64 -21.00
CA ARG B 18 0.94 -13.25 -19.82
C ARG B 18 2.08 -12.39 -19.28
N ALA B 19 2.09 -12.20 -17.94
CA ALA B 19 3.08 -11.43 -17.21
C ALA B 19 3.76 -12.33 -16.18
N THR B 20 5.09 -12.27 -16.12
CA THR B 20 5.89 -13.08 -15.21
C THR B 20 6.86 -12.21 -14.39
N ILE B 21 6.97 -12.45 -13.06
CA ILE B 21 7.84 -11.71 -12.12
C ILE B 21 8.69 -12.71 -11.40
N ASN B 22 9.96 -12.37 -11.15
CA ASN B 22 10.92 -13.25 -10.47
C ASN B 22 11.36 -12.76 -9.11
N CYS B 23 11.76 -13.70 -8.25
CA CYS B 23 12.25 -13.41 -6.91
C CYS B 23 13.32 -14.42 -6.53
N ARG B 24 14.46 -13.92 -5.98
CA ARG B 24 15.60 -14.74 -5.56
C ARG B 24 15.97 -14.47 -4.11
N ALA B 25 16.07 -15.53 -3.30
CA ALA B 25 16.43 -15.44 -1.88
C ALA B 25 17.94 -15.75 -1.68
N SER B 26 18.60 -15.02 -0.74
CA SER B 26 20.03 -15.17 -0.42
C SER B 26 20.37 -16.52 0.23
N LYS B 27 19.42 -17.10 0.97
CA LYS B 27 19.52 -18.42 1.61
C LYS B 27 18.25 -19.18 1.21
N SER B 28 18.17 -20.47 1.54
CA SER B 28 16.97 -21.24 1.22
C SER B 28 15.83 -20.85 2.11
N VAL B 29 14.65 -20.71 1.50
CA VAL B 29 13.45 -20.38 2.26
C VAL B 29 12.61 -21.64 2.50
N ASP B 30 13.21 -22.81 2.24
CA ASP B 30 12.59 -24.12 2.44
C ASP B 30 12.82 -24.70 3.85
N SER B 31 11.78 -25.34 4.38
CA SER B 31 11.78 -26.08 5.64
C SER B 31 10.88 -27.27 5.45
N TYR B 32 11.47 -28.47 5.62
CA TYR B 32 10.82 -29.77 5.48
C TYR B 32 10.05 -29.92 4.12
N GLY B 33 10.68 -29.45 3.05
CA GLY B 33 10.16 -29.56 1.69
C GLY B 33 9.05 -28.59 1.27
N ASN B 34 8.86 -27.51 2.05
CA ASN B 34 7.86 -26.48 1.76
C ASN B 34 8.55 -25.15 1.75
N SER B 35 8.12 -24.24 0.84
CA SER B 35 8.73 -22.95 0.65
C SER B 35 8.01 -21.85 1.40
N PHE B 36 8.67 -21.27 2.41
CA PHE B 36 8.08 -20.23 3.25
C PHE B 36 8.29 -18.87 2.66
N MET B 37 7.66 -18.68 1.50
CA MET B 37 7.69 -17.41 0.79
C MET B 37 6.30 -17.05 0.28
N HIS B 38 5.98 -15.75 0.33
CA HIS B 38 4.65 -15.30 -0.03
C HIS B 38 4.69 -14.10 -0.99
N TRP B 39 3.61 -13.90 -1.79
CA TRP B 39 3.52 -12.78 -2.75
C TRP B 39 2.41 -11.81 -2.36
N TYR B 40 2.69 -10.50 -2.49
CA TYR B 40 1.75 -9.43 -2.17
C TYR B 40 1.58 -8.49 -3.34
N GLN B 41 0.39 -7.90 -3.45
CA GLN B 41 0.08 -6.90 -4.46
C GLN B 41 -0.19 -5.60 -3.74
N GLN B 42 0.43 -4.51 -4.18
CA GLN B 42 0.14 -3.21 -3.61
C GLN B 42 -0.22 -2.20 -4.71
N LYS B 43 -1.48 -1.80 -4.73
CA LYS B 43 -2.05 -0.80 -5.63
C LYS B 43 -1.76 0.60 -5.08
N PRO B 44 -1.69 1.65 -5.95
CA PRO B 44 -1.35 3.00 -5.45
C PRO B 44 -2.23 3.51 -4.33
N GLY B 45 -1.61 4.00 -3.25
CA GLY B 45 -2.28 4.56 -2.08
C GLY B 45 -2.98 3.57 -1.16
N GLN B 46 -2.76 2.26 -1.35
CA GLN B 46 -3.41 1.25 -0.55
C GLN B 46 -2.40 0.39 0.18
N PRO B 47 -2.80 -0.35 1.23
CA PRO B 47 -1.87 -1.28 1.82
C PRO B 47 -1.67 -2.50 0.90
N PRO B 48 -0.57 -3.23 1.09
CA PRO B 48 -0.38 -4.49 0.36
C PRO B 48 -1.51 -5.49 0.64
N LYS B 49 -1.72 -6.41 -0.26
CA LYS B 49 -2.73 -7.43 -0.14
C LYS B 49 -2.05 -8.76 -0.45
N LEU B 50 -2.27 -9.79 0.40
CA LEU B 50 -1.68 -11.10 0.15
C LEU B 50 -2.31 -11.76 -1.10
N LEU B 51 -1.50 -12.31 -1.98
CA LEU B 51 -2.04 -13.00 -3.16
C LEU B 51 -1.78 -14.48 -3.11
N ILE B 52 -0.51 -14.84 -2.80
CA ILE B 52 -0.02 -16.21 -2.79
C ILE B 52 0.73 -16.47 -1.48
N TYR B 53 0.49 -17.64 -0.87
CA TYR B 53 1.20 -18.06 0.34
C TYR B 53 1.83 -19.40 0.11
N LEU B 54 2.92 -19.68 0.85
CA LEU B 54 3.66 -20.96 0.74
C LEU B 54 4.04 -21.19 -0.75
N ALA B 55 4.51 -20.13 -1.40
CA ALA B 55 4.96 -20.06 -2.80
C ALA B 55 3.96 -20.34 -3.92
N SER B 56 2.93 -21.17 -3.67
CA SER B 56 2.01 -21.52 -4.77
C SER B 56 0.52 -21.60 -4.41
N ASN B 57 0.15 -21.29 -3.17
CA ASN B 57 -1.26 -21.36 -2.77
C ASN B 57 -1.92 -20.03 -2.95
N LEU B 58 -3.08 -20.01 -3.64
CA LEU B 58 -3.86 -18.79 -3.87
C LEU B 58 -4.56 -18.41 -2.57
N GLU B 59 -4.45 -17.16 -2.19
CA GLU B 59 -5.20 -16.61 -1.07
C GLU B 59 -6.68 -16.59 -1.49
N SER B 60 -7.60 -16.95 -0.57
CA SER B 60 -9.03 -16.95 -0.85
C SER B 60 -9.52 -15.62 -1.41
N GLY B 61 -10.29 -15.70 -2.49
CA GLY B 61 -10.86 -14.53 -3.16
C GLY B 61 -9.98 -13.93 -4.24
N VAL B 62 -8.70 -14.33 -4.34
CA VAL B 62 -7.76 -13.78 -5.34
C VAL B 62 -8.08 -14.40 -6.72
N PRO B 63 -8.14 -13.61 -7.83
CA PRO B 63 -8.49 -14.19 -9.14
C PRO B 63 -7.56 -15.32 -9.55
N ASP B 64 -8.09 -16.37 -10.19
CA ASP B 64 -7.32 -17.54 -10.62
C ASP B 64 -6.27 -17.31 -11.71
N ARG B 65 -6.24 -16.10 -12.34
CA ARG B 65 -5.22 -15.77 -13.35
C ARG B 65 -3.83 -15.64 -12.67
N PHE B 66 -3.81 -15.45 -11.34
CA PHE B 66 -2.55 -15.37 -10.60
C PHE B 66 -2.09 -16.78 -10.20
N SER B 67 -0.77 -17.05 -10.28
CA SER B 67 -0.18 -18.31 -9.84
C SER B 67 1.26 -18.07 -9.39
N GLY B 68 1.76 -18.96 -8.56
CA GLY B 68 3.11 -18.88 -8.02
C GLY B 68 3.79 -20.22 -8.18
N SER B 69 5.12 -20.22 -8.36
CA SER B 69 5.93 -21.43 -8.55
C SER B 69 7.34 -21.22 -8.02
N GLY B 70 8.12 -22.29 -7.94
CA GLY B 70 9.49 -22.23 -7.47
C GLY B 70 9.74 -22.96 -6.17
N SER B 71 11.03 -23.09 -5.82
CA SER B 71 11.52 -23.81 -4.65
C SER B 71 12.91 -23.29 -4.23
N GLY B 72 13.24 -23.53 -2.95
CA GLY B 72 14.51 -23.19 -2.34
C GLY B 72 14.87 -21.71 -2.33
N THR B 73 15.47 -21.28 -3.44
CA THR B 73 16.03 -19.95 -3.63
C THR B 73 15.36 -19.10 -4.74
N ASP B 74 14.76 -19.75 -5.77
CA ASP B 74 14.15 -19.10 -6.93
C ASP B 74 12.64 -19.26 -7.01
N PHE B 75 11.94 -18.12 -7.10
CA PHE B 75 10.47 -18.09 -7.16
C PHE B 75 9.92 -17.21 -8.28
N THR B 76 8.69 -17.52 -8.71
CA THR B 76 8.01 -16.80 -9.79
C THR B 76 6.52 -16.56 -9.46
N LEU B 77 6.01 -15.38 -9.83
CA LEU B 77 4.60 -14.99 -9.76
C LEU B 77 4.17 -14.77 -11.21
N THR B 78 3.06 -15.37 -11.61
CA THR B 78 2.58 -15.29 -13.00
C THR B 78 1.11 -14.82 -13.08
N ILE B 79 0.81 -13.88 -14.02
CA ILE B 79 -0.53 -13.43 -14.32
C ILE B 79 -0.78 -13.91 -15.74
N SER B 80 -1.70 -14.87 -15.92
CA SER B 80 -1.98 -15.52 -17.21
C SER B 80 -2.53 -14.60 -18.30
N SER B 81 -3.33 -13.61 -17.92
CA SER B 81 -3.91 -12.64 -18.84
C SER B 81 -4.08 -11.32 -18.09
N LEU B 82 -3.04 -10.47 -18.17
CA LEU B 82 -2.99 -9.17 -17.49
C LEU B 82 -4.19 -8.29 -17.74
N GLN B 83 -4.83 -7.86 -16.64
CA GLN B 83 -6.01 -7.02 -16.67
C GLN B 83 -5.61 -5.60 -16.30
N ALA B 84 -6.39 -4.63 -16.76
CA ALA B 84 -6.18 -3.21 -16.46
C ALA B 84 -6.07 -2.95 -14.94
N GLU B 85 -6.85 -3.68 -14.12
CA GLU B 85 -6.85 -3.54 -12.63
C GLU B 85 -5.63 -4.19 -11.97
N ASP B 86 -4.81 -4.93 -12.72
CA ASP B 86 -3.65 -5.59 -12.16
C ASP B 86 -2.43 -4.70 -12.05
N VAL B 87 -2.53 -3.43 -12.49
CA VAL B 87 -1.43 -2.45 -12.36
C VAL B 87 -1.17 -2.25 -10.88
N ALA B 88 0.09 -2.41 -10.45
CA ALA B 88 0.49 -2.41 -9.05
C ALA B 88 1.97 -2.68 -8.94
N VAL B 89 2.45 -2.73 -7.70
CA VAL B 89 3.80 -3.14 -7.34
C VAL B 89 3.59 -4.47 -6.61
N TYR B 90 4.32 -5.49 -7.07
CA TYR B 90 4.26 -6.83 -6.49
C TYR B 90 5.50 -7.09 -5.64
N TYR B 91 5.32 -7.62 -4.43
CA TYR B 91 6.41 -7.94 -3.49
C TYR B 91 6.43 -9.40 -3.09
N CYS B 92 7.62 -9.98 -2.97
CA CYS B 92 7.82 -11.31 -2.41
C CYS B 92 8.29 -11.08 -0.97
N GLN B 93 8.16 -12.09 -0.13
CA GLN B 93 8.48 -11.99 1.29
C GLN B 93 8.70 -13.40 1.82
N GLN B 94 9.65 -13.54 2.77
CA GLN B 94 9.94 -14.81 3.42
C GLN B 94 9.76 -14.77 4.92
N ASN B 95 9.42 -15.91 5.51
CA ASN B 95 9.30 -16.10 6.95
C ASN B 95 9.89 -17.44 7.35
N ASN B 96 10.77 -17.98 6.50
CA ASN B 96 11.46 -19.25 6.80
C ASN B 96 12.35 -19.07 8.04
N GLU B 97 13.07 -17.93 8.09
CA GLU B 97 13.98 -17.55 9.14
C GLU B 97 13.77 -16.12 9.59
N ASP B 98 13.79 -15.92 10.91
CA ASP B 98 13.69 -14.59 11.49
C ASP B 98 14.99 -13.79 11.29
N PRO B 99 14.89 -12.49 10.97
CA PRO B 99 13.65 -11.71 10.78
C PRO B 99 12.97 -11.90 9.42
N ARG B 100 11.66 -11.64 9.36
CA ARG B 100 10.94 -11.65 8.10
C ARG B 100 11.49 -10.52 7.23
N THR B 101 11.63 -10.78 5.92
CA THR B 101 12.13 -9.82 4.94
C THR B 101 11.30 -9.81 3.66
N PHE B 102 11.21 -8.63 3.03
CA PHE B 102 10.52 -8.39 1.77
C PHE B 102 11.52 -8.17 0.65
N GLY B 103 11.12 -8.51 -0.58
CA GLY B 103 11.87 -8.15 -1.79
C GLY B 103 11.69 -6.66 -2.04
N GLY B 104 12.43 -6.11 -3.01
CA GLY B 104 12.38 -4.68 -3.36
C GLY B 104 11.19 -4.23 -4.18
N GLY B 105 10.39 -5.19 -4.66
CA GLY B 105 9.20 -4.90 -5.47
C GLY B 105 9.41 -4.83 -6.96
N THR B 106 8.33 -5.10 -7.72
CA THR B 106 8.32 -5.03 -9.17
C THR B 106 7.03 -4.36 -9.58
N LYS B 107 7.16 -3.24 -10.30
CA LYS B 107 6.03 -2.47 -10.79
C LYS B 107 5.54 -3.06 -12.12
N VAL B 108 4.25 -3.37 -12.19
CA VAL B 108 3.63 -3.92 -13.39
C VAL B 108 2.73 -2.86 -14.01
N GLU B 109 2.94 -2.57 -15.31
CA GLU B 109 2.15 -1.62 -16.07
C GLU B 109 1.58 -2.22 -17.35
N ILE B 110 0.47 -1.66 -17.83
CA ILE B 110 -0.18 -2.08 -19.06
C ILE B 110 0.37 -1.29 -20.25
N LYS B 111 0.68 -2.01 -21.36
CA LYS B 111 1.08 -1.44 -22.64
C LYS B 111 -0.24 -1.29 -23.41
N ARG B 112 -0.58 -0.06 -23.80
CA ARG B 112 -1.84 0.16 -24.53
C ARG B 112 -1.61 1.07 -25.74
N THR B 113 -2.66 1.36 -26.52
CA THR B 113 -2.55 2.23 -27.69
C THR B 113 -2.26 3.67 -27.27
N VAL B 114 -1.65 4.43 -28.17
CA VAL B 114 -1.34 5.82 -27.93
C VAL B 114 -2.65 6.60 -27.66
N ALA B 115 -2.62 7.49 -26.66
CA ALA B 115 -3.76 8.32 -26.34
C ALA B 115 -3.23 9.72 -26.06
N ALA B 116 -3.68 10.70 -26.87
CA ALA B 116 -3.27 12.09 -26.69
C ALA B 116 -3.89 12.65 -25.42
N PRO B 117 -3.22 13.59 -24.73
CA PRO B 117 -3.88 14.22 -23.57
C PRO B 117 -4.91 15.28 -23.98
N SER B 118 -5.93 15.48 -23.14
CA SER B 118 -6.91 16.57 -23.24
C SER B 118 -6.29 17.61 -22.30
N VAL B 119 -6.07 18.84 -22.80
CA VAL B 119 -5.32 19.86 -22.02
C VAL B 119 -6.27 20.93 -21.54
N PHE B 120 -6.06 21.39 -20.31
CA PHE B 120 -6.89 22.45 -19.71
C PHE B 120 -5.97 23.40 -19.02
N ILE B 121 -6.31 24.68 -19.02
CA ILE B 121 -5.50 25.67 -18.27
C ILE B 121 -6.40 26.38 -17.26
N PHE B 122 -5.90 26.61 -16.07
CA PHE B 122 -6.62 27.26 -14.99
C PHE B 122 -5.87 28.49 -14.52
N PRO B 123 -6.50 29.66 -14.56
CA PRO B 123 -5.81 30.85 -14.05
C PRO B 123 -5.77 30.83 -12.51
N PRO B 124 -4.93 31.69 -11.85
CA PRO B 124 -5.02 31.80 -10.39
C PRO B 124 -6.37 32.37 -10.00
N SER B 125 -6.85 31.97 -8.84
CA SER B 125 -8.13 32.45 -8.33
C SER B 125 -7.93 33.83 -7.76
N ASP B 126 -8.98 34.65 -7.75
CA ASP B 126 -8.88 35.99 -7.17
C ASP B 126 -8.50 35.88 -5.68
N GLU B 127 -9.04 34.86 -4.96
CA GLU B 127 -8.73 34.65 -3.54
CA GLU B 127 -8.70 34.71 -3.55
C GLU B 127 -7.22 34.42 -3.33
N GLN B 128 -6.57 33.64 -4.22
CA GLN B 128 -5.13 33.44 -4.07
C GLN B 128 -4.37 34.74 -4.35
N LEU B 129 -4.78 35.47 -5.39
CA LEU B 129 -4.11 36.73 -5.75
C LEU B 129 -4.05 37.72 -4.59
N LYS B 130 -5.11 37.79 -3.77
CA LYS B 130 -5.19 38.64 -2.57
C LYS B 130 -3.99 38.41 -1.64
N SER B 131 -3.50 37.15 -1.54
CA SER B 131 -2.39 36.75 -0.65
C SER B 131 -0.96 36.97 -1.20
N GLY B 132 -0.83 37.43 -2.44
CA GLY B 132 0.47 37.74 -3.01
C GLY B 132 1.13 36.75 -3.95
N THR B 133 0.43 35.65 -4.27
CA THR B 133 0.94 34.58 -5.14
C THR B 133 -0.09 34.21 -6.17
N ALA B 134 0.38 33.74 -7.33
CA ALA B 134 -0.44 33.30 -8.43
C ALA B 134 0.05 31.96 -8.86
N SER B 135 -0.81 30.92 -8.77
CA SER B 135 -0.47 29.61 -9.30
C SER B 135 -1.28 29.44 -10.56
N VAL B 136 -0.62 29.08 -11.66
CA VAL B 136 -1.28 28.82 -12.93
C VAL B 136 -1.14 27.34 -13.15
N VAL B 137 -2.26 26.66 -13.41
CA VAL B 137 -2.22 25.20 -13.53
C VAL B 137 -2.57 24.70 -14.93
N CYS B 138 -1.79 23.77 -15.40
CA CYS B 138 -2.06 23.12 -16.67
C CYS B 138 -2.30 21.65 -16.41
N LEU B 139 -3.40 21.11 -16.91
CA LEU B 139 -3.77 19.69 -16.72
C LEU B 139 -3.68 18.95 -18.04
N LEU B 140 -2.98 17.81 -18.08
CA LEU B 140 -2.89 16.92 -19.26
C LEU B 140 -3.65 15.67 -18.82
N ASN B 141 -4.81 15.46 -19.39
CA ASN B 141 -5.65 14.40 -18.94
C ASN B 141 -5.70 13.18 -19.80
N ASN B 142 -5.60 12.00 -19.14
CA ASN B 142 -5.81 10.67 -19.76
C ASN B 142 -5.00 10.38 -21.01
N PHE B 143 -3.69 10.37 -20.85
CA PHE B 143 -2.80 10.10 -21.98
C PHE B 143 -1.93 8.87 -21.81
N TYR B 144 -1.38 8.40 -22.93
CA TYR B 144 -0.48 7.26 -22.95
C TYR B 144 0.39 7.41 -24.22
N PRO B 145 1.73 7.22 -24.17
CA PRO B 145 2.54 6.85 -22.98
C PRO B 145 2.73 7.99 -21.99
N ARG B 146 3.36 7.68 -20.84
CA ARG B 146 3.60 8.64 -19.75
C ARG B 146 4.44 9.86 -20.16
N GLU B 147 5.35 9.71 -21.13
CA GLU B 147 6.21 10.80 -21.52
C GLU B 147 5.46 11.93 -22.20
N ALA B 148 5.66 13.14 -21.69
CA ALA B 148 4.99 14.34 -22.18
C ALA B 148 5.82 15.52 -21.79
N LYS B 149 5.77 16.58 -22.59
CA LYS B 149 6.51 17.81 -22.31
C LYS B 149 5.56 18.98 -22.16
N VAL B 150 5.74 19.76 -21.12
CA VAL B 150 4.93 20.95 -20.89
C VAL B 150 5.88 22.12 -20.92
N GLN B 151 5.57 23.13 -21.75
CA GLN B 151 6.39 24.34 -21.80
CA GLN B 151 6.38 24.34 -21.81
C GLN B 151 5.48 25.51 -21.46
N TRP B 152 5.84 26.27 -20.42
CA TRP B 152 5.07 27.44 -20.03
C TRP B 152 5.62 28.64 -20.80
N LYS B 153 4.72 29.52 -21.24
CA LYS B 153 5.09 30.77 -21.94
C LYS B 153 4.25 31.92 -21.36
N VAL B 154 4.92 33.03 -21.08
CA VAL B 154 4.29 34.21 -20.49
C VAL B 154 4.66 35.32 -21.45
N ASP B 155 3.65 35.88 -22.13
CA ASP B 155 3.86 36.86 -23.23
C ASP B 155 4.92 36.33 -24.21
N ASN B 156 4.88 35.02 -24.54
CA ASN B 156 5.85 34.34 -25.43
C ASN B 156 7.30 34.16 -24.87
N ALA B 157 7.55 34.51 -23.60
CA ALA B 157 8.89 34.25 -23.02
C ALA B 157 8.80 32.82 -22.43
N LEU B 158 9.74 31.94 -22.84
CA LEU B 158 9.78 30.57 -22.33
C LEU B 158 10.19 30.59 -20.87
N GLN B 159 9.41 29.94 -20.02
CA GLN B 159 9.67 29.91 -18.59
C GLN B 159 10.51 28.71 -18.23
N SER B 160 11.39 28.86 -17.21
CA SER B 160 12.10 27.73 -16.61
C SER B 160 12.34 28.03 -15.10
N GLY B 161 12.42 26.97 -14.31
CA GLY B 161 12.72 27.04 -12.88
C GLY B 161 11.55 27.43 -11.98
N ASN B 162 10.41 27.79 -12.55
CA ASN B 162 9.24 28.26 -11.78
C ASN B 162 7.99 27.37 -11.96
N SER B 163 8.22 26.13 -12.40
CA SER B 163 7.05 25.21 -12.51
C SER B 163 7.41 23.88 -11.89
N GLN B 164 6.41 23.15 -11.39
CA GLN B 164 6.59 21.80 -10.84
C GLN B 164 5.47 20.91 -11.46
N GLU B 165 5.79 19.66 -11.75
CA GLU B 165 4.87 18.67 -12.36
C GLU B 165 4.61 17.53 -11.36
N SER B 166 3.47 16.87 -11.51
CA SER B 166 3.15 15.71 -10.68
C SER B 166 2.31 14.80 -11.61
N VAL B 167 2.49 13.50 -11.53
CA VAL B 167 1.85 12.56 -12.46
C VAL B 167 1.14 11.47 -11.67
N THR B 168 -0.03 11.06 -12.13
CA THR B 168 -0.75 9.97 -11.46
C THR B 168 -0.14 8.62 -11.88
N GLU B 169 -0.46 7.57 -11.12
CA GLU B 169 -0.06 6.22 -11.49
C GLU B 169 -1.07 5.81 -12.55
N GLN B 170 -0.75 4.77 -13.30
CA GLN B 170 -1.60 4.34 -14.39
C GLN B 170 -3.02 4.01 -13.91
N ASP B 171 -4.04 4.54 -14.60
CA ASP B 171 -5.44 4.32 -14.25
C ASP B 171 -5.80 2.84 -14.30
N SER B 172 -6.55 2.37 -13.32
CA SER B 172 -6.92 0.94 -13.23
C SER B 172 -8.00 0.51 -14.23
N LYS B 173 -8.58 1.46 -14.96
CA LYS B 173 -9.64 1.19 -15.91
C LYS B 173 -9.24 1.42 -17.36
N ASP B 174 -8.65 2.60 -17.67
CA ASP B 174 -8.31 2.92 -19.06
C ASP B 174 -6.81 2.86 -19.35
N SER B 175 -5.99 2.60 -18.31
CA SER B 175 -4.53 2.46 -18.41
C SER B 175 -3.81 3.73 -18.93
N THR B 176 -4.38 4.90 -18.66
CA THR B 176 -3.75 6.17 -19.01
C THR B 176 -3.11 6.80 -17.77
N TYR B 177 -2.44 7.94 -18.00
CA TYR B 177 -1.81 8.79 -16.98
C TYR B 177 -2.40 10.17 -17.10
N SER B 178 -2.33 10.95 -16.02
CA SER B 178 -2.71 12.36 -16.06
C SER B 178 -1.58 13.10 -15.38
N LEU B 179 -1.40 14.37 -15.71
CA LEU B 179 -0.28 15.17 -15.22
C LEU B 179 -0.75 16.60 -14.96
N SER B 180 -0.25 17.21 -13.89
CA SER B 180 -0.54 18.64 -13.74
C SER B 180 0.81 19.37 -13.67
N SER B 181 0.91 20.53 -14.30
CA SER B 181 2.08 21.38 -14.20
C SER B 181 1.62 22.70 -13.57
N THR B 182 2.27 23.14 -12.50
CA THR B 182 1.87 24.37 -11.83
C THR B 182 2.98 25.40 -12.05
N LEU B 183 2.62 26.56 -12.57
CA LEU B 183 3.54 27.68 -12.75
C LEU B 183 3.29 28.62 -11.56
N THR B 184 4.30 28.91 -10.78
CA THR B 184 4.10 29.80 -9.62
C THR B 184 4.85 31.11 -9.77
N LEU B 185 4.11 32.20 -9.67
CA LEU B 185 4.70 33.54 -9.80
C LEU B 185 4.27 34.38 -8.64
N SER B 186 5.02 35.45 -8.35
CA SER B 186 4.54 36.37 -7.34
C SER B 186 3.40 37.13 -8.03
N LYS B 187 2.53 37.73 -7.25
CA LYS B 187 1.45 38.59 -7.74
C LYS B 187 2.04 39.75 -8.61
N ALA B 188 3.19 40.37 -8.19
CA ALA B 188 3.83 41.45 -8.94
C ALA B 188 4.26 40.97 -10.35
N ASP B 189 4.91 39.78 -10.48
CA ASP B 189 5.29 39.27 -11.80
C ASP B 189 4.02 38.95 -12.61
N TYR B 190 3.01 38.33 -11.94
CA TYR B 190 1.74 37.95 -12.60
C TYR B 190 1.02 39.15 -13.22
N GLU B 191 0.90 40.26 -12.47
CA GLU B 191 0.23 41.46 -12.98
C GLU B 191 1.02 42.24 -14.04
N LYS B 192 2.32 41.93 -14.20
CA LYS B 192 3.13 42.61 -15.22
C LYS B 192 2.97 41.99 -16.60
N HIS B 193 2.28 40.84 -16.69
CA HIS B 193 2.15 40.14 -17.97
C HIS B 193 0.71 39.86 -18.36
N LYS B 194 0.49 39.59 -19.63
CA LYS B 194 -0.85 39.37 -20.16
C LYS B 194 -1.17 37.92 -20.57
N VAL B 195 -0.38 37.35 -21.48
CA VAL B 195 -0.67 36.04 -22.06
C VAL B 195 0.02 34.91 -21.28
N TYR B 196 -0.77 33.97 -20.77
CA TYR B 196 -0.30 32.80 -20.02
C TYR B 196 -0.65 31.57 -20.83
N ALA B 197 0.36 30.85 -21.30
CA ALA B 197 0.14 29.70 -22.16
C ALA B 197 0.94 28.48 -21.73
N CYS B 198 0.32 27.36 -21.93
CA CYS B 198 0.91 26.07 -21.65
CA CYS B 198 1.03 26.10 -21.68
C CYS B 198 0.93 25.30 -22.96
N GLU B 199 2.10 24.93 -23.48
CA GLU B 199 2.24 24.20 -24.72
C GLU B 199 2.61 22.77 -24.42
N VAL B 200 1.83 21.85 -24.97
CA VAL B 200 1.98 20.43 -24.69
C VAL B 200 2.46 19.67 -25.90
N THR B 201 3.50 18.82 -25.69
CA THR B 201 4.07 17.97 -26.75
C THR B 201 3.91 16.53 -26.28
N HIS B 202 3.35 15.68 -27.13
CA HIS B 202 3.08 14.27 -26.79
C HIS B 202 3.06 13.45 -28.06
N GLN B 203 3.39 12.16 -27.96
CA GLN B 203 3.42 11.22 -29.10
C GLN B 203 2.06 11.18 -29.83
N GLY B 204 0.96 11.31 -29.07
CA GLY B 204 -0.41 11.28 -29.58
C GLY B 204 -0.82 12.54 -30.32
N LEU B 205 -0.03 13.61 -30.18
CA LEU B 205 -0.30 14.91 -30.84
C LEU B 205 0.64 15.07 -32.04
N SER B 206 0.07 15.20 -33.24
CA SER B 206 0.87 15.36 -34.46
C SER B 206 1.54 16.75 -34.50
N SER B 207 1.02 17.67 -33.67
CA SER B 207 1.46 19.05 -33.52
C SER B 207 1.26 19.50 -32.05
N PRO B 208 2.13 20.35 -31.45
CA PRO B 208 1.90 20.76 -30.05
C PRO B 208 0.60 21.51 -29.83
N VAL B 209 -0.03 21.27 -28.69
CA VAL B 209 -1.30 21.89 -28.30
C VAL B 209 -1.01 22.99 -27.30
N THR B 210 -1.56 24.19 -27.56
CA THR B 210 -1.43 25.32 -26.63
C THR B 210 -2.79 25.71 -26.07
N LYS B 211 -2.87 25.80 -24.74
CA LYS B 211 -4.04 26.34 -24.04
C LYS B 211 -3.58 27.59 -23.38
N SER B 212 -4.34 28.68 -23.50
CA SER B 212 -3.89 29.95 -22.94
C SER B 212 -5.04 30.81 -22.46
N PHE B 213 -4.72 31.84 -21.70
CA PHE B 213 -5.73 32.84 -21.29
C PHE B 213 -5.01 34.17 -21.19
N ASN B 214 -5.75 35.28 -21.18
CA ASN B 214 -5.17 36.62 -20.98
C ASN B 214 -5.60 37.06 -19.60
N ARG B 215 -4.66 37.52 -18.78
CA ARG B 215 -4.95 37.96 -17.43
C ARG B 215 -5.97 39.07 -17.49
N GLY B 216 -6.94 39.03 -16.58
CA GLY B 216 -7.98 40.07 -16.56
C GLY B 216 -9.04 39.77 -17.59
N GLU B 217 -9.15 38.45 -17.89
CA GLU B 217 -10.05 37.73 -18.80
C GLU B 217 -10.08 38.12 -20.26
N CYS B 218 -9.72 37.14 -21.10
CA CYS B 218 -9.74 37.00 -22.56
C CYS B 218 -9.46 35.51 -22.83
N THR C 7 14.99 -40.41 12.35
CA THR C 7 15.48 -39.09 11.92
C THR C 7 14.45 -37.96 12.13
N ALA C 8 13.66 -37.62 11.08
CA ALA C 8 12.63 -36.57 11.15
C ALA C 8 11.55 -36.93 12.17
N LEU C 9 11.26 -38.25 12.32
CA LEU C 9 10.28 -38.77 13.26
C LEU C 9 10.73 -38.60 14.71
N ARG C 10 12.04 -38.82 14.99
CA ARG C 10 12.63 -38.61 16.30
C ARG C 10 12.61 -37.10 16.59
N GLU C 11 13.00 -36.27 15.60
CA GLU C 11 12.99 -34.79 15.67
C GLU C 11 11.59 -34.25 16.01
N LEU C 12 10.54 -34.82 15.38
CA LEU C 12 9.15 -34.44 15.63
C LEU C 12 8.78 -34.79 17.08
N ILE C 13 9.20 -35.98 17.57
CA ILE C 13 8.98 -36.40 18.96
C ILE C 13 9.75 -35.44 19.89
N GLU C 14 11.04 -35.17 19.57
CA GLU C 14 11.93 -34.25 20.29
C GLU C 14 11.24 -32.90 20.48
N GLU C 15 10.69 -32.32 19.38
CA GLU C 15 9.98 -31.04 19.39
C GLU C 15 8.75 -31.05 20.30
N LEU C 16 7.96 -32.15 20.26
CA LEU C 16 6.75 -32.30 21.08
C LEU C 16 7.05 -32.39 22.58
N VAL C 17 8.16 -33.04 22.95
CA VAL C 17 8.61 -33.13 24.35
C VAL C 17 9.16 -31.74 24.72
N ASN C 18 9.99 -31.14 23.83
CA ASN C 18 10.61 -29.82 23.94
C ASN C 18 9.59 -28.73 24.28
N ILE C 19 8.37 -28.81 23.69
CA ILE C 19 7.29 -27.85 23.91
C ILE C 19 6.38 -28.15 25.13
N THR C 20 6.44 -29.39 25.66
CA THR C 20 5.66 -29.80 26.83
C THR C 20 6.50 -29.81 28.13
N GLN C 21 7.48 -28.89 28.23
CA GLN C 21 8.37 -28.74 29.39
C GLN C 21 7.92 -27.57 30.28
N PRO C 26 1.65 -22.65 30.06
CA PRO C 26 0.69 -23.30 29.14
C PRO C 26 1.13 -23.24 27.68
N LEU C 27 0.40 -23.94 26.78
CA LEU C 27 0.69 -24.00 25.34
C LEU C 27 -0.56 -23.56 24.53
N CYS C 28 -0.44 -22.45 23.75
CA CYS C 28 -1.51 -21.83 22.97
C CYS C 28 -2.75 -21.56 23.86
N ASN C 29 -2.52 -20.83 24.96
CA ASN C 29 -3.51 -20.49 25.97
C ASN C 29 -4.82 -19.95 25.38
N GLY C 30 -5.90 -20.66 25.68
CA GLY C 30 -7.25 -20.34 25.22
C GLY C 30 -7.61 -20.92 23.86
N SER C 31 -6.69 -21.68 23.24
CA SER C 31 -6.93 -22.24 21.90
C SER C 31 -7.17 -23.74 21.93
N MET C 32 -8.38 -24.14 21.53
CA MET C 32 -8.82 -25.53 21.52
C MET C 32 -8.70 -26.14 20.13
N VAL C 33 -8.30 -27.42 20.07
CA VAL C 33 -8.12 -28.21 18.84
C VAL C 33 -9.00 -29.47 18.89
N TRP C 34 -9.32 -30.07 17.73
CA TRP C 34 -10.11 -31.30 17.64
C TRP C 34 -9.25 -32.51 17.98
N SER C 35 -9.86 -33.48 18.68
CA SER C 35 -9.24 -34.76 19.03
C SER C 35 -9.02 -35.54 17.72
N ILE C 36 -7.87 -36.21 17.61
CA ILE C 36 -7.50 -36.91 16.38
C ILE C 36 -7.50 -38.42 16.50
N ASN C 37 -8.17 -39.08 15.54
CA ASN C 37 -8.20 -40.52 15.43
C ASN C 37 -6.84 -40.89 14.85
N LEU C 38 -5.97 -41.41 15.72
CA LEU C 38 -4.61 -41.79 15.38
C LEU C 38 -4.61 -43.24 14.87
N THR C 39 -4.42 -43.40 13.54
CA THR C 39 -4.43 -44.68 12.86
C THR C 39 -3.36 -44.84 11.78
N ALA C 40 -3.76 -44.79 10.48
CA ALA C 40 -2.90 -45.01 9.31
C ALA C 40 -2.03 -43.82 8.88
N GLY C 41 -0.94 -43.64 9.60
CA GLY C 41 0.05 -42.59 9.39
C GLY C 41 -0.61 -41.25 9.22
N MET C 42 -1.55 -40.94 10.14
CA MET C 42 -2.37 -39.76 10.12
C MET C 42 -1.68 -38.44 10.47
N TYR C 43 -0.51 -38.21 9.83
CA TYR C 43 0.21 -36.94 9.94
C TYR C 43 -0.68 -35.83 9.39
N CYS C 44 -1.54 -36.17 8.39
CA CYS C 44 -2.49 -35.23 7.78
C CYS C 44 -3.57 -34.85 8.79
N ALA C 45 -4.05 -35.83 9.59
CA ALA C 45 -5.08 -35.58 10.59
C ALA C 45 -4.55 -34.65 11.69
N ALA C 46 -3.30 -34.87 12.16
CA ALA C 46 -2.66 -34.02 13.17
C ALA C 46 -2.46 -32.63 12.61
N LEU C 47 -2.02 -32.53 11.34
CA LEU C 47 -1.80 -31.26 10.65
C LEU C 47 -3.12 -30.50 10.47
N GLU C 48 -4.21 -31.21 10.13
CA GLU C 48 -5.55 -30.61 9.97
C GLU C 48 -6.10 -30.06 11.29
N SER C 49 -5.79 -30.73 12.41
CA SER C 49 -6.25 -30.30 13.73
C SER C 49 -5.53 -29.03 14.21
N LEU C 50 -4.20 -28.98 14.06
CA LEU C 50 -3.39 -27.84 14.51
C LEU C 50 -3.49 -26.58 13.65
N ILE C 51 -3.79 -26.75 12.34
CA ILE C 51 -3.90 -25.65 11.38
C ILE C 51 -4.92 -24.57 11.78
N ASN C 52 -5.84 -24.91 12.70
CA ASN C 52 -6.85 -23.97 13.19
C ASN C 52 -6.38 -23.15 14.41
N VAL C 53 -5.10 -23.30 14.80
CA VAL C 53 -4.55 -22.52 15.91
C VAL C 53 -3.92 -21.24 15.37
N SER C 54 -4.41 -20.10 15.87
CA SER C 54 -3.92 -18.78 15.50
C SER C 54 -2.94 -18.25 16.57
N GLY C 55 -1.96 -17.49 16.08
CA GLY C 55 -0.99 -16.73 16.86
C GLY C 55 -0.09 -17.44 17.84
N CYS C 56 0.18 -18.73 17.62
CA CYS C 56 1.04 -19.48 18.54
C CYS C 56 2.38 -19.85 17.93
N SER C 57 3.45 -19.13 18.33
CA SER C 57 4.81 -19.37 17.85
C SER C 57 5.28 -20.75 18.24
N ALA C 58 4.89 -21.19 19.45
CA ALA C 58 5.27 -22.47 20.06
C ALA C 58 4.96 -23.72 19.22
N ILE C 59 3.92 -23.70 18.37
CA ILE C 59 3.53 -24.86 17.54
C ILE C 59 3.99 -24.78 16.09
N GLU C 60 4.54 -23.63 15.65
CA GLU C 60 4.97 -23.43 14.26
C GLU C 60 5.87 -24.55 13.73
N LYS C 61 6.94 -24.88 14.47
CA LYS C 61 7.90 -25.93 14.10
C LYS C 61 7.19 -27.28 13.90
N THR C 62 6.31 -27.66 14.84
CA THR C 62 5.53 -28.89 14.79
C THR C 62 4.69 -28.90 13.50
N GLN C 63 4.02 -27.76 13.19
CA GLN C 63 3.24 -27.63 11.96
C GLN C 63 4.12 -27.81 10.74
N ARG C 64 5.29 -27.15 10.70
CA ARG C 64 6.24 -27.30 9.58
C ARG C 64 6.72 -28.77 9.48
N MET C 65 7.07 -29.38 10.64
CA MET C 65 7.54 -30.77 10.68
C MET C 65 6.45 -31.68 10.14
N LEU C 66 5.19 -31.51 10.63
CA LEU C 66 4.03 -32.27 10.19
C LEU C 66 3.79 -32.08 8.69
N SER C 67 3.96 -30.83 8.18
CA SER C 67 3.85 -30.49 6.74
C SER C 67 4.89 -31.25 5.89
N GLY C 68 6.02 -31.59 6.50
CA GLY C 68 7.07 -32.37 5.87
C GLY C 68 6.60 -33.78 5.59
N PHE C 69 5.89 -34.39 6.56
CA PHE C 69 5.32 -35.75 6.44
C PHE C 69 4.05 -35.79 5.61
N CYS C 70 3.26 -34.71 5.65
CA CYS C 70 2.03 -34.60 4.86
C CYS C 70 2.17 -33.40 3.90
N PRO C 71 2.67 -33.58 2.66
CA PRO C 71 2.87 -32.42 1.77
C PRO C 71 1.64 -31.89 1.04
N HIS C 72 0.46 -32.54 1.22
CA HIS C 72 -0.79 -32.14 0.57
C HIS C 72 -1.32 -30.79 1.04
N LYS C 73 -2.13 -30.13 0.19
CA LYS C 73 -2.73 -28.83 0.51
C LYS C 73 -3.66 -29.00 1.71
N VAL C 74 -3.36 -28.29 2.80
CA VAL C 74 -4.15 -28.32 4.02
C VAL C 74 -4.44 -26.88 4.42
N SER C 75 -5.72 -26.48 4.32
CA SER C 75 -6.18 -25.12 4.61
C SER C 75 -6.97 -25.03 5.91
N ALA C 76 -6.88 -23.87 6.60
CA ALA C 76 -7.60 -23.62 7.84
C ALA C 76 -9.12 -23.52 7.57
N GLY C 77 -9.89 -24.31 8.30
CA GLY C 77 -11.34 -24.39 8.16
C GLY C 77 -11.81 -25.55 7.29
N GLN C 78 -11.07 -25.84 6.20
CA GLN C 78 -11.36 -26.90 5.25
C GLN C 78 -10.77 -28.25 5.71
N PHE C 79 -11.59 -29.33 5.64
CA PHE C 79 -11.18 -30.66 6.08
C PHE C 79 -11.34 -31.75 5.01
N SER C 80 -10.41 -32.73 5.02
CA SER C 80 -10.38 -33.87 4.12
C SER C 80 -9.99 -35.13 4.90
N SER C 81 -8.88 -35.08 5.65
CA SER C 81 -8.36 -36.18 6.48
C SER C 81 -9.21 -36.42 7.72
N LEU C 82 -9.66 -35.33 8.37
CA LEU C 82 -10.45 -35.39 9.60
C LEU C 82 -11.90 -35.76 9.34
N HIS C 83 -12.36 -36.80 10.06
CA HIS C 83 -13.72 -37.33 9.99
C HIS C 83 -14.36 -37.39 11.39
N VAL C 84 -13.52 -37.48 12.46
CA VAL C 84 -13.96 -37.53 13.85
C VAL C 84 -13.82 -36.14 14.51
N ARG C 85 -14.83 -35.28 14.28
CA ARG C 85 -14.92 -33.92 14.81
C ARG C 85 -15.98 -33.87 15.92
N ASP C 86 -15.57 -34.18 17.17
CA ASP C 86 -16.45 -34.17 18.34
C ASP C 86 -15.78 -33.66 19.62
N THR C 87 -14.70 -34.32 20.07
CA THR C 87 -13.98 -33.92 21.28
C THR C 87 -12.99 -32.78 20.99
N LYS C 88 -13.08 -31.68 21.75
CA LYS C 88 -12.21 -30.50 21.62
C LYS C 88 -11.33 -30.42 22.85
N ILE C 89 -10.00 -30.36 22.64
CA ILE C 89 -9.01 -30.36 23.73
C ILE C 89 -7.98 -29.23 23.70
N GLU C 90 -7.22 -29.08 24.80
CA GLU C 90 -6.13 -28.12 24.89
C GLU C 90 -5.00 -28.65 24.00
N VAL C 91 -4.22 -27.74 23.38
CA VAL C 91 -3.09 -28.10 22.51
C VAL C 91 -2.08 -28.97 23.28
N ALA C 92 -1.91 -28.71 24.61
CA ALA C 92 -1.05 -29.48 25.51
C ALA C 92 -1.53 -30.94 25.56
N GLN C 93 -2.86 -31.14 25.77
CA GLN C 93 -3.50 -32.45 25.77
C GLN C 93 -3.34 -33.13 24.39
N PHE C 94 -3.51 -32.35 23.28
CA PHE C 94 -3.35 -32.85 21.89
C PHE C 94 -1.95 -33.34 21.60
N VAL C 95 -0.95 -32.61 22.06
CA VAL C 95 0.46 -32.93 21.87
C VAL C 95 0.76 -34.19 22.67
N LYS C 96 0.20 -34.31 23.90
CA LYS C 96 0.33 -35.48 24.76
C LYS C 96 -0.34 -36.71 24.15
N ASP C 97 -1.47 -36.51 23.43
CA ASP C 97 -2.18 -37.59 22.73
C ASP C 97 -1.39 -37.98 21.47
N LEU C 98 -0.81 -36.98 20.77
CA LEU C 98 0.01 -37.20 19.57
C LEU C 98 1.33 -37.86 19.95
N LEU C 99 1.87 -37.53 21.15
CA LEU C 99 3.12 -38.07 21.69
C LEU C 99 3.03 -39.56 22.02
N LEU C 100 1.85 -40.01 22.52
CA LEU C 100 1.60 -41.42 22.84
C LEU C 100 1.59 -42.28 21.57
N HIS C 101 0.90 -41.82 20.52
CA HIS C 101 0.80 -42.51 19.22
C HIS C 101 2.12 -42.53 18.45
N LEU C 102 2.84 -41.39 18.45
CA LEU C 102 4.12 -41.23 17.74
C LEU C 102 5.24 -42.10 18.30
N LYS C 103 5.24 -42.32 19.64
CA LYS C 103 6.22 -43.19 20.30
C LYS C 103 5.90 -44.68 20.08
N LYS C 104 4.61 -44.99 19.81
CA LYS C 104 4.13 -46.35 19.51
C LYS C 104 4.63 -46.77 18.12
N LEU C 105 4.55 -45.84 17.12
CA LEU C 105 5.01 -46.06 15.74
C LEU C 105 6.53 -46.19 15.63
N PHE C 106 7.26 -45.50 16.52
CA PHE C 106 8.73 -45.51 16.60
C PHE C 106 9.27 -46.86 17.09
N ARG C 107 8.43 -47.65 17.79
CA ARG C 107 8.79 -48.98 18.32
C ARG C 107 8.33 -50.08 17.37
#